data_3QOR
#
_entry.id   3QOR
#
_cell.length_a   66.734
_cell.length_b   51.820
_cell.length_c   92.854
_cell.angle_alpha   90.00
_cell.angle_beta   90.58
_cell.angle_gamma   90.00
#
_symmetry.space_group_name_H-M   'P 1 21 1'
#
loop_
_entity.id
_entity.type
_entity.pdbx_description
1 polymer 'Nuclear migration protein nudC'
2 polymer 'Nuclear migration protein nudC'
3 polymer 'Nuclear migration protein nudC'
4 polymer 'Nuclear migration protein nudC'
5 non-polymer 'ACETATE ION'
6 water water
#
loop_
_entity_poly.entity_id
_entity_poly.type
_entity_poly.pdbx_seq_one_letter_code
_entity_poly.pdbx_strand_id
1 'polypeptide(L)'
;GSSSKLKPNLGNGADLPNYRWTQTLSELDLAVPF(CSX)VNFRLKGKDMVVDIQRRHLRVGLKGQPAIIDGELYNEVKVE
ESSWLIADGAVVTVHLEKINKMEWWSRLVSSDPEINTKKINPENS
;
A
2 'polypeptide(L)'
;GSSSKLKPNLGNGADLPNYRWTQTLSELDLAVPF(CSD)VNFRLKGKDMVVDIQRRHLRVGLKGQPAIIDGELYNEVKVE
ESSWLIADGAVVTVHLEKINKMEWWSRLVSSDPEINTKKINPENS
;
B
3 'polypeptide(L)'
;GSSSKLKPNLGNGADLPNYRWTQTLSELDLAVPFCVNFRLKGKDMVVDIQRRHLRVGLKGQPAIIDGELYNEVKVEESSW
LIADGAVVTVHLEKINKMEWWSRLVSSDPEINTKKINPENS
;
C
4 'polypeptide(L)'
;GSSSKLKPNLGNGADLPNYRWTQTLSELDLAVPF(OCS)VNFRLKGKDMVVDIQRRHLRVGLKGQPAIIDGELYNEVKVE
ESSWLIADGAVVTVHLEKINKMEWWSRLVSSDPEINTKKINPENS
;
D,E
#
# COMPACT_ATOMS: atom_id res chain seq x y z
N GLY A 1 26.61 13.00 9.27
CA GLY A 1 25.38 13.58 9.81
C GLY A 1 24.13 12.92 9.27
N SER A 2 22.97 13.45 9.65
CA SER A 2 21.69 12.94 9.19
C SER A 2 21.22 13.71 7.96
N SER A 3 20.39 13.07 7.13
CA SER A 3 19.83 13.70 5.94
C SER A 3 18.32 13.46 5.85
N SER A 4 17.70 13.95 4.78
CA SER A 4 16.26 13.87 4.61
C SER A 4 15.72 12.45 4.74
N LYS A 5 14.56 12.31 5.39
CA LYS A 5 13.99 11.00 5.68
C LYS A 5 12.72 10.66 4.91
N LEU A 6 12.41 9.37 4.82
CA LEU A 6 11.23 8.86 4.15
C LEU A 6 10.19 8.39 5.16
N LYS A 7 8.91 8.48 4.79
CA LYS A 7 7.85 7.94 5.62
C LYS A 7 7.86 6.41 5.53
N PRO A 8 7.80 5.73 6.68
CA PRO A 8 7.78 4.27 6.70
C PRO A 8 6.56 3.68 5.97
N ASN A 9 6.72 2.54 5.31
CA ASN A 9 5.59 1.82 4.75
C ASN A 9 4.83 1.12 5.87
N LEU A 10 3.74 0.44 5.54
CA LEU A 10 2.90 -0.17 6.57
C LEU A 10 3.57 -1.35 7.26
N GLY A 11 4.65 -1.86 6.67
CA GLY A 11 5.38 -2.95 7.28
C GLY A 11 6.56 -2.44 8.10
N ASN A 12 6.58 -1.12 8.34
CA ASN A 12 7.62 -0.48 9.15
C ASN A 12 9.01 -0.47 8.51
N GLY A 13 9.03 -0.63 7.18
CA GLY A 13 10.26 -0.51 6.42
C GLY A 13 10.23 0.66 5.47
N ALA A 14 10.94 0.52 4.34
CA ALA A 14 10.99 1.59 3.35
C ALA A 14 10.62 1.12 1.96
N ASP A 15 10.03 2.03 1.20
CA ASP A 15 9.76 1.79 -0.21
C ASP A 15 10.76 2.62 -1.01
N LEU A 16 11.73 1.95 -1.63
CA LEU A 16 12.72 2.63 -2.48
C LEU A 16 12.35 2.40 -3.95
N PRO A 17 12.96 3.17 -4.85
CA PRO A 17 12.58 2.96 -6.25
C PRO A 17 12.85 1.55 -6.77
N ASN A 18 13.91 0.90 -6.30
CA ASN A 18 14.30 -0.39 -6.84
C ASN A 18 14.01 -1.61 -5.95
N TYR A 19 13.52 -1.37 -4.74
CA TYR A 19 13.19 -2.46 -3.83
C TYR A 19 12.38 -1.93 -2.67
N ARG A 20 11.75 -2.81 -1.93
CA ARG A 20 11.12 -2.40 -0.68
C ARG A 20 11.39 -3.44 0.40
N TRP A 21 11.29 -3.03 1.65
CA TRP A 21 11.48 -3.98 2.72
C TRP A 21 10.55 -3.65 3.87
N THR A 22 10.27 -4.65 4.68
CA THR A 22 9.50 -4.49 5.89
C THR A 22 10.33 -5.09 7.03
N GLN A 23 9.94 -4.85 8.27
CA GLN A 23 10.68 -5.43 9.41
C GLN A 23 9.79 -5.61 10.62
N THR A 24 10.25 -6.47 11.51
CA THR A 24 9.78 -6.46 12.89
C THR A 24 11.01 -6.14 13.74
N LEU A 25 10.88 -6.21 15.06
CA LEU A 25 12.03 -5.95 15.91
C LEU A 25 13.20 -6.90 15.65
N SER A 26 12.90 -8.10 15.16
CA SER A 26 13.89 -9.18 15.08
C SER A 26 14.32 -9.56 13.67
N GLU A 27 13.59 -9.13 12.64
CA GLU A 27 13.94 -9.54 11.29
CA GLU A 27 13.86 -9.58 11.27
C GLU A 27 13.51 -8.52 10.23
N LEU A 28 13.99 -8.72 9.02
CA LEU A 28 13.71 -7.82 7.90
C LEU A 28 13.43 -8.69 6.68
N ASP A 29 12.45 -8.29 5.85
CA ASP A 29 12.17 -9.00 4.60
C ASP A 29 12.18 -8.01 3.45
N LEU A 30 12.97 -8.35 2.43
CA LEU A 30 13.24 -7.46 1.30
C LEU A 30 12.70 -8.06 0.01
N ALA A 31 12.14 -7.22 -0.87
CA ALA A 31 11.74 -7.66 -2.19
C ALA A 31 12.40 -6.79 -3.25
N VAL A 32 13.05 -7.43 -4.22
CA VAL A 32 13.77 -6.73 -5.28
C VAL A 32 13.33 -7.24 -6.65
N PRO A 33 12.41 -6.52 -7.29
CA PRO A 33 11.91 -6.94 -8.59
C PRO A 33 12.95 -6.73 -9.68
N PHE A 34 13.00 -7.66 -10.64
CA PHE A 34 13.86 -7.45 -11.80
C PHE A 34 13.01 -7.46 -13.06
N VAL A 36 13.41 -8.00 -16.66
CA VAL A 36 14.32 -8.54 -17.66
C VAL A 36 13.54 -9.24 -18.77
N ASN A 37 14.22 -9.51 -19.89
CA ASN A 37 13.57 -10.19 -21.00
C ASN A 37 13.97 -11.65 -21.11
N PHE A 38 14.41 -12.22 -20.00
CA PHE A 38 14.72 -13.65 -19.94
C PHE A 38 14.23 -14.21 -18.61
N ARG A 39 14.29 -15.53 -18.47
CA ARG A 39 13.90 -16.17 -17.22
CA ARG A 39 13.90 -16.17 -17.22
C ARG A 39 15.02 -16.05 -16.19
N LEU A 40 14.70 -15.47 -15.05
CA LEU A 40 15.72 -15.19 -14.03
C LEU A 40 16.12 -16.47 -13.29
N LYS A 41 17.40 -16.81 -13.38
CA LYS A 41 17.95 -18.00 -12.75
C LYS A 41 19.07 -17.61 -11.80
N GLY A 42 19.40 -18.52 -10.89
CA GLY A 42 20.44 -18.27 -9.91
C GLY A 42 21.75 -17.92 -10.57
N LYS A 43 22.01 -18.54 -11.71
CA LYS A 43 23.26 -18.34 -12.44
C LYS A 43 23.41 -16.90 -12.90
N ASP A 44 22.28 -16.20 -13.06
CA ASP A 44 22.30 -14.80 -13.49
C ASP A 44 22.47 -13.82 -12.33
N MET A 45 22.34 -14.32 -11.10
CA MET A 45 22.32 -13.46 -9.92
C MET A 45 23.64 -13.57 -9.14
N VAL A 46 24.07 -12.44 -8.59
CA VAL A 46 25.07 -12.48 -7.53
C VAL A 46 24.43 -11.86 -6.30
N VAL A 47 24.24 -12.70 -5.28
CA VAL A 47 23.68 -12.28 -4.01
C VAL A 47 24.63 -12.72 -2.93
N ASP A 48 24.99 -11.79 -2.06
CA ASP A 48 25.92 -12.13 -0.99
C ASP A 48 25.42 -11.49 0.28
N ILE A 49 24.99 -12.33 1.22
CA ILE A 49 24.52 -11.86 2.51
C ILE A 49 25.67 -12.04 3.50
N GLN A 50 26.21 -10.92 3.97
CA GLN A 50 27.27 -10.98 4.98
CA GLN A 50 27.28 -10.95 4.97
C GLN A 50 26.77 -10.47 6.32
N ARG A 51 27.56 -10.72 7.37
CA ARG A 51 27.22 -10.29 8.73
C ARG A 51 26.79 -8.83 8.79
N ARG A 52 27.49 -7.97 8.05
CA ARG A 52 27.06 -6.57 7.99
C ARG A 52 27.16 -5.93 6.62
N HIS A 53 26.90 -6.71 5.58
CA HIS A 53 26.95 -6.21 4.22
C HIS A 53 25.96 -6.98 3.36
N LEU A 54 25.37 -6.32 2.37
CA LEU A 54 24.47 -7.01 1.46
C LEU A 54 24.76 -6.59 0.04
N ARG A 55 24.82 -7.58 -0.85
CA ARG A 55 24.96 -7.34 -2.27
C ARG A 55 23.86 -8.12 -3.00
N VAL A 56 23.12 -7.43 -3.86
CA VAL A 56 22.08 -8.03 -4.69
C VAL A 56 22.11 -7.43 -6.10
N GLY A 57 22.25 -8.26 -7.12
CA GLY A 57 22.20 -7.73 -8.47
C GLY A 57 22.39 -8.79 -9.52
N LEU A 58 22.26 -8.39 -10.78
CA LEU A 58 22.54 -9.25 -11.93
C LEU A 58 24.01 -9.28 -12.29
N LYS A 59 24.52 -10.44 -12.68
CA LYS A 59 25.87 -10.54 -13.23
C LYS A 59 26.09 -9.55 -14.37
N GLY A 60 27.22 -8.83 -14.32
CA GLY A 60 27.63 -7.96 -15.40
C GLY A 60 26.96 -6.60 -15.33
N GLN A 61 26.06 -6.45 -14.37
CA GLN A 61 25.31 -5.20 -14.21
CA GLN A 61 25.30 -5.21 -14.22
C GLN A 61 25.67 -4.53 -12.90
N PRO A 62 25.40 -3.21 -12.81
CA PRO A 62 25.60 -2.53 -11.53
C PRO A 62 24.67 -3.15 -10.50
N ALA A 63 25.20 -3.47 -9.32
CA ALA A 63 24.37 -4.07 -8.29
C ALA A 63 23.23 -3.14 -7.91
N ILE A 64 22.07 -3.71 -7.60
CA ILE A 64 20.94 -2.93 -7.12
C ILE A 64 21.18 -2.53 -5.67
N ILE A 65 21.72 -3.46 -4.89
CA ILE A 65 22.16 -3.20 -3.52
C ILE A 65 23.61 -3.66 -3.37
N ASP A 66 24.43 -2.82 -2.78
CA ASP A 66 25.81 -3.17 -2.46
C ASP A 66 26.24 -2.21 -1.36
N GLY A 67 26.00 -2.57 -0.12
CA GLY A 67 26.23 -1.63 0.95
C GLY A 67 26.30 -2.25 2.33
N GLU A 68 26.72 -1.44 3.28
CA GLU A 68 26.82 -1.81 4.70
C GLU A 68 25.43 -1.89 5.31
N LEU A 69 25.10 -3.03 5.91
CA LEU A 69 23.81 -3.15 6.59
C LEU A 69 23.72 -2.25 7.83
N TYR A 70 22.49 -1.84 8.17
CA TYR A 70 22.26 -0.95 9.31
C TYR A 70 22.85 -1.54 10.59
N ASN A 71 22.71 -2.84 10.77
CA ASN A 71 23.33 -3.53 11.91
C ASN A 71 23.56 -4.98 11.51
N GLU A 72 24.11 -5.77 12.43
CA GLU A 72 24.56 -7.13 12.13
C GLU A 72 23.42 -8.11 11.98
N VAL A 73 23.60 -9.09 11.10
CA VAL A 73 22.59 -10.12 10.92
C VAL A 73 23.22 -11.49 11.12
N LYS A 74 22.38 -12.48 11.45
CA LYS A 74 22.85 -13.85 11.60
C LYS A 74 22.77 -14.50 10.22
N VAL A 75 23.91 -14.68 9.57
CA VAL A 75 23.95 -15.19 8.20
CA VAL A 75 23.86 -15.16 8.20
C VAL A 75 23.32 -16.58 8.12
N GLU A 76 23.58 -17.39 9.16
CA GLU A 76 23.11 -18.77 9.21
C GLU A 76 21.59 -18.89 9.25
N GLU A 77 20.92 -17.83 9.67
CA GLU A 77 19.45 -17.79 9.70
C GLU A 77 18.87 -16.79 8.71
N SER A 78 19.73 -16.27 7.83
CA SER A 78 19.26 -15.41 6.73
C SER A 78 19.30 -16.13 5.39
N SER A 79 18.49 -15.69 4.44
CA SER A 79 18.34 -16.43 3.19
C SER A 79 17.78 -15.59 2.07
N TRP A 80 17.83 -16.13 0.86
CA TRP A 80 17.22 -15.48 -0.28
C TRP A 80 16.70 -16.48 -1.28
N LEU A 81 15.82 -16.03 -2.13
CA LEU A 81 15.32 -16.85 -3.21
CA LEU A 81 15.41 -16.85 -3.25
C LEU A 81 14.83 -16.02 -4.38
N ILE A 82 14.63 -16.67 -5.50
CA ILE A 82 14.01 -16.03 -6.63
C ILE A 82 12.55 -16.45 -6.60
N ALA A 83 11.68 -15.52 -6.25
CA ALA A 83 10.24 -15.79 -6.17
C ALA A 83 9.62 -15.61 -7.54
N ASP A 84 8.37 -16.05 -7.70
CA ASP A 84 7.70 -15.99 -9.00
C ASP A 84 7.65 -14.56 -9.56
N GLY A 85 7.65 -14.43 -10.88
CA GLY A 85 7.57 -13.13 -11.50
C GLY A 85 8.83 -12.31 -11.29
N ALA A 86 9.97 -12.99 -11.19
CA ALA A 86 11.30 -12.34 -11.14
C ALA A 86 11.46 -11.36 -9.99
N VAL A 87 10.95 -11.74 -8.83
CA VAL A 87 11.16 -10.94 -7.62
C VAL A 87 12.12 -11.67 -6.71
N VAL A 88 13.28 -11.08 -6.47
CA VAL A 88 14.24 -11.65 -5.55
C VAL A 88 13.83 -11.26 -4.14
N THR A 89 13.71 -12.23 -3.25
CA THR A 89 13.38 -11.92 -1.86
C THR A 89 14.55 -12.29 -0.95
N VAL A 90 14.74 -11.50 0.10
CA VAL A 90 15.81 -11.76 1.07
C VAL A 90 15.21 -11.68 2.47
N HIS A 91 15.55 -12.64 3.31
CA HIS A 91 15.11 -12.66 4.68
C HIS A 91 16.33 -12.51 5.55
N LEU A 92 16.33 -11.49 6.40
CA LEU A 92 17.48 -11.26 7.28
C LEU A 92 17.06 -11.42 8.74
N GLU A 93 17.79 -12.23 9.48
CA GLU A 93 17.56 -12.35 10.91
C GLU A 93 18.53 -11.43 11.65
N LYS A 94 18.02 -10.53 12.49
CA LYS A 94 18.89 -9.57 13.17
C LYS A 94 19.62 -10.21 14.33
N ILE A 95 20.83 -9.73 14.63
CA ILE A 95 21.57 -10.17 15.81
C ILE A 95 20.99 -9.54 17.09
N ASN A 96 20.84 -8.22 17.06
CA ASN A 96 20.09 -7.51 18.08
C ASN A 96 18.62 -7.55 17.66
N LYS A 97 17.82 -8.38 18.35
CA LYS A 97 16.45 -8.66 17.95
C LYS A 97 15.41 -7.74 18.58
N MET A 98 15.87 -6.63 19.15
CA MET A 98 14.96 -5.67 19.73
CA MET A 98 14.97 -5.66 19.74
C MET A 98 15.35 -4.26 19.27
N GLU A 99 15.46 -4.10 17.95
CA GLU A 99 15.91 -2.82 17.39
C GLU A 99 15.24 -2.56 16.05
N TRP A 100 14.62 -1.38 15.93
CA TRP A 100 14.05 -0.95 14.64
C TRP A 100 15.18 -0.40 13.77
N TRP A 101 15.32 -0.92 12.56
CA TRP A 101 16.29 -0.36 11.62
C TRP A 101 15.70 0.86 10.93
N SER A 102 16.51 1.88 10.68
CA SER A 102 16.02 3.04 9.93
C SER A 102 16.30 2.94 8.43
N ARG A 103 17.13 1.99 8.04
CA ARG A 103 17.40 1.75 6.63
C ARG A 103 18.03 0.38 6.46
N LEU A 104 17.97 -0.14 5.24
CA LEU A 104 18.55 -1.43 4.92
C LEU A 104 20.07 -1.30 4.84
N VAL A 105 20.53 -0.41 3.95
CA VAL A 105 21.94 -0.09 3.84
C VAL A 105 22.19 1.41 4.11
N SER A 106 23.42 1.73 4.46
CA SER A 106 23.75 3.07 4.94
CA SER A 106 23.75 3.07 4.95
C SER A 106 23.63 4.13 3.88
N SER A 107 23.66 3.72 2.61
CA SER A 107 23.58 4.67 1.51
C SER A 107 22.14 5.13 1.20
N ASP A 108 21.14 4.43 1.78
CA ASP A 108 19.73 4.81 1.65
C ASP A 108 19.33 5.92 2.63
N PRO A 109 18.39 6.79 2.22
CA PRO A 109 17.80 7.71 3.21
C PRO A 109 17.14 6.91 4.33
N GLU A 110 17.21 7.39 5.57
CA GLU A 110 16.50 6.73 6.66
C GLU A 110 15.00 6.90 6.54
N ILE A 111 14.25 5.94 7.05
CA ILE A 111 12.85 6.20 7.36
C ILE A 111 12.78 7.02 8.65
N ASN A 112 11.70 7.76 8.80
CA ASN A 112 11.39 8.48 10.03
C ASN A 112 10.82 7.49 11.03
N THR A 113 11.67 7.01 11.94
CA THR A 113 11.27 5.95 12.86
C THR A 113 10.24 6.41 13.91
N LYS A 114 10.06 7.72 14.05
CA LYS A 114 8.97 8.23 14.87
C LYS A 114 7.61 7.74 14.39
N LYS A 115 7.52 7.44 13.10
CA LYS A 115 6.26 7.02 12.51
C LYS A 115 6.05 5.50 12.48
N ILE A 116 7.03 4.76 12.97
CA ILE A 116 6.87 3.31 13.09
C ILE A 116 5.66 2.99 13.95
N ASN A 117 4.90 1.99 13.54
CA ASN A 117 3.77 1.51 14.33
C ASN A 117 3.96 0.04 14.66
N PRO A 118 4.42 -0.26 15.89
CA PRO A 118 4.77 -1.63 16.29
C PRO A 118 3.71 -2.68 15.99
N GLU A 119 2.43 -2.33 16.09
CA GLU A 119 1.34 -3.26 15.81
C GLU A 119 1.27 -3.55 14.30
N ASN A 120 1.84 -2.63 13.52
CA ASN A 120 1.89 -2.70 12.06
C ASN A 120 0.83 -1.84 11.36
N SER B 2 6.14 4.72 -8.99
CA SER B 2 6.46 5.76 -8.02
C SER B 2 6.52 5.19 -6.61
N SER B 3 7.42 5.74 -5.81
CA SER B 3 7.63 5.29 -4.44
C SER B 3 7.77 6.50 -3.52
N SER B 4 8.03 6.26 -2.24
CA SER B 4 8.06 7.30 -1.22
C SER B 4 9.00 8.45 -1.59
N LYS B 5 8.61 9.68 -1.25
CA LYS B 5 9.37 10.87 -1.66
C LYS B 5 10.04 11.66 -0.53
N LEU B 6 11.04 12.46 -0.92
CA LEU B 6 11.81 13.27 0.02
C LEU B 6 11.40 14.75 -0.07
N LYS B 7 11.46 15.46 1.05
CA LYS B 7 11.29 16.92 1.04
C LYS B 7 12.49 17.59 0.38
N PRO B 8 12.23 18.49 -0.58
CA PRO B 8 13.34 19.15 -1.28
C PRO B 8 14.15 20.05 -0.35
N ASN B 9 15.44 20.18 -0.61
CA ASN B 9 16.24 21.14 0.15
C ASN B 9 15.96 22.55 -0.36
N LEU B 10 16.58 23.54 0.28
CA LEU B 10 16.31 24.94 -0.05
C LEU B 10 16.86 25.35 -1.40
N GLY B 11 17.63 24.45 -2.02
CA GLY B 11 18.11 24.68 -3.37
C GLY B 11 17.26 23.94 -4.40
N ASN B 12 16.13 23.41 -3.94
CA ASN B 12 15.21 22.69 -4.83
C ASN B 12 15.74 21.36 -5.35
N GLY B 13 16.73 20.81 -4.65
CA GLY B 13 17.30 19.51 -4.98
C GLY B 13 17.09 18.52 -3.85
N ALA B 14 17.96 17.51 -3.74
CA ALA B 14 17.80 16.50 -2.69
C ALA B 14 19.02 16.41 -1.79
N ASP B 15 18.80 16.09 -0.53
CA ASP B 15 19.88 15.75 0.41
C ASP B 15 19.88 14.23 0.59
N LEU B 16 20.87 13.54 0.03
CA LEU B 16 20.98 12.09 0.21
C LEU B 16 22.10 11.79 1.20
N PRO B 17 22.17 10.53 1.69
CA PRO B 17 23.22 10.26 2.66
C PRO B 17 24.62 10.54 2.12
N ASN B 18 24.87 10.24 0.85
CA ASN B 18 26.22 10.33 0.30
C ASN B 18 26.50 11.56 -0.53
N TYR B 19 25.48 12.37 -0.77
CA TYR B 19 25.64 13.56 -1.63
C TYR B 19 24.40 14.41 -1.59
N ARG B 20 24.52 15.66 -2.04
CA ARG B 20 23.35 16.50 -2.20
C ARG B 20 23.46 17.30 -3.48
N TRP B 21 22.32 17.75 -3.99
CA TRP B 21 22.36 18.59 -5.17
C TRP B 21 21.31 19.67 -5.08
N THR B 22 21.51 20.75 -5.85
CA THR B 22 20.52 21.79 -5.96
C THR B 22 20.26 21.95 -7.45
N GLN B 23 19.22 22.67 -7.83
CA GLN B 23 18.97 22.91 -9.25
C GLN B 23 18.25 24.22 -9.50
N THR B 24 18.37 24.69 -10.74
CA THR B 24 17.46 25.67 -11.29
C THR B 24 16.74 24.98 -12.44
N LEU B 25 15.89 25.72 -13.15
CA LEU B 25 15.22 25.14 -14.29
C LEU B 25 16.20 24.61 -15.33
N SER B 26 17.38 25.20 -15.39
CA SER B 26 18.31 24.91 -16.49
C SER B 26 19.54 24.10 -16.12
N GLU B 27 19.85 23.95 -14.83
CA GLU B 27 21.07 23.25 -14.46
CA GLU B 27 21.09 23.31 -14.44
C GLU B 27 20.98 22.61 -13.09
N LEU B 28 21.95 21.75 -12.81
CA LEU B 28 22.01 21.03 -11.54
C LEU B 28 23.44 21.11 -11.03
N ASP B 29 23.60 21.31 -9.72
CA ASP B 29 24.92 21.31 -9.09
C ASP B 29 24.97 20.29 -7.97
N LEU B 30 25.90 19.35 -8.08
CA LEU B 30 25.99 18.21 -7.16
C LEU B 30 27.22 18.34 -6.26
N ALA B 31 27.10 17.95 -4.99
CA ALA B 31 28.25 17.89 -4.08
C ALA B 31 28.41 16.49 -3.48
N VAL B 32 29.57 15.87 -3.67
CA VAL B 32 29.82 14.52 -3.16
C VAL B 32 31.09 14.52 -2.30
N PRO B 33 30.92 14.52 -0.98
CA PRO B 33 32.10 14.53 -0.12
C PRO B 33 32.76 13.16 -0.07
N PHE B 34 34.09 13.14 0.00
CA PHE B 34 34.84 11.90 0.19
C PHE B 34 35.74 12.03 1.43
N VAL B 36 38.93 10.32 2.81
CA VAL B 36 40.01 9.38 2.56
C VAL B 36 41.27 9.84 3.27
N ASN B 37 42.22 8.92 3.43
CA ASN B 37 43.44 9.20 4.18
C ASN B 37 44.59 9.67 3.31
N PHE B 38 44.27 10.52 2.34
CA PHE B 38 45.28 11.19 1.52
C PHE B 38 44.66 12.43 0.91
N ARG B 39 45.45 13.21 0.20
CA ARG B 39 44.95 14.36 -0.52
C ARG B 39 44.27 13.86 -1.77
N LEU B 40 42.95 14.01 -1.83
CA LEU B 40 42.19 13.55 -2.99
C LEU B 40 42.61 14.34 -4.21
N LYS B 41 43.00 13.62 -5.27
CA LYS B 41 43.42 14.26 -6.51
C LYS B 41 42.62 13.73 -7.69
N GLY B 42 42.59 14.50 -8.77
CA GLY B 42 41.89 14.10 -9.98
C GLY B 42 42.15 12.66 -10.39
N LYS B 43 43.42 12.26 -10.33
CA LYS B 43 43.81 10.91 -10.75
C LYS B 43 43.20 9.83 -9.87
N ASP B 44 42.73 10.21 -8.69
CA ASP B 44 42.13 9.27 -7.76
C ASP B 44 40.64 9.05 -8.06
N MET B 45 40.09 9.87 -8.95
CA MET B 45 38.64 9.92 -9.09
C MET B 45 38.17 9.39 -10.44
N VAL B 46 36.97 8.81 -10.43
CA VAL B 46 36.25 8.49 -11.64
C VAL B 46 35.00 9.35 -11.69
N VAL B 47 34.93 10.27 -12.64
CA VAL B 47 33.71 11.03 -12.88
C VAL B 47 33.39 10.98 -14.37
N ASP B 48 32.37 10.21 -14.73
CA ASP B 48 31.99 10.02 -16.12
C ASP B 48 30.65 10.70 -16.36
N ILE B 49 30.69 11.85 -17.00
CA ILE B 49 29.47 12.56 -17.35
C ILE B 49 29.09 12.20 -18.77
N GLN B 50 27.95 11.56 -18.95
CA GLN B 50 27.46 11.21 -20.28
CA GLN B 50 27.47 11.19 -20.28
C GLN B 50 26.11 11.87 -20.54
N ARG B 51 25.62 11.79 -21.77
CA ARG B 51 24.38 12.47 -22.12
C ARG B 51 23.25 12.17 -21.15
N ARG B 52 23.10 10.90 -20.78
CA ARG B 52 22.06 10.54 -19.82
C ARG B 52 22.54 9.52 -18.79
N HIS B 53 23.80 9.63 -18.40
CA HIS B 53 24.35 8.74 -17.39
C HIS B 53 25.41 9.47 -16.60
N LEU B 54 25.54 9.12 -15.32
CA LEU B 54 26.55 9.72 -14.47
C LEU B 54 27.18 8.64 -13.62
N ARG B 55 28.51 8.67 -13.54
CA ARG B 55 29.23 7.79 -12.64
C ARG B 55 30.22 8.61 -11.83
N VAL B 56 30.14 8.52 -10.52
CA VAL B 56 31.07 9.22 -9.64
C VAL B 56 31.55 8.26 -8.56
N GLY B 57 32.86 8.17 -8.39
CA GLY B 57 33.41 7.32 -7.34
C GLY B 57 34.93 7.32 -7.34
N LEU B 58 35.51 6.75 -6.28
CA LEU B 58 36.95 6.60 -6.23
C LEU B 58 37.38 5.47 -7.16
N LYS B 59 38.46 5.67 -7.90
CA LYS B 59 39.02 4.59 -8.70
CA LYS B 59 39.05 4.59 -8.70
C LYS B 59 39.32 3.39 -7.81
N GLY B 60 38.90 2.21 -8.26
CA GLY B 60 39.14 0.98 -7.52
C GLY B 60 38.15 0.73 -6.39
N GLN B 61 37.23 1.66 -6.20
CA GLN B 61 36.21 1.51 -5.16
C GLN B 61 34.83 1.40 -5.78
N PRO B 62 33.85 0.89 -5.02
CA PRO B 62 32.48 0.87 -5.52
C PRO B 62 32.02 2.31 -5.73
N ALA B 63 31.33 2.57 -6.82
CA ALA B 63 30.93 3.94 -7.14
C ALA B 63 29.83 4.43 -6.19
N ILE B 64 29.84 5.73 -5.93
CA ILE B 64 28.81 6.39 -5.11
C ILE B 64 27.58 6.69 -5.95
N ILE B 65 27.81 7.11 -7.19
CA ILE B 65 26.75 7.30 -8.17
C ILE B 65 27.10 6.50 -9.42
N ASP B 66 26.11 5.80 -9.96
CA ASP B 66 26.27 5.04 -11.20
C ASP B 66 24.89 4.75 -11.73
N GLY B 67 24.32 5.71 -12.44
CA GLY B 67 22.96 5.56 -12.90
C GLY B 67 22.55 6.46 -14.04
N GLU B 68 21.34 6.23 -14.51
CA GLU B 68 20.73 6.94 -15.61
C GLU B 68 20.24 8.31 -15.09
N LEU B 69 20.63 9.38 -15.77
CA LEU B 69 20.19 10.71 -15.34
C LEU B 69 18.70 10.92 -15.59
N TYR B 70 18.09 11.78 -14.80
CA TYR B 70 16.67 12.04 -14.89
C TYR B 70 16.27 12.46 -16.30
N ASN B 71 17.09 13.31 -16.92
CA ASN B 71 16.91 13.66 -18.32
C ASN B 71 18.28 13.99 -18.92
N GLU B 72 18.31 14.34 -20.19
CA GLU B 72 19.56 14.54 -20.92
C GLU B 72 20.29 15.82 -20.53
N VAL B 73 21.62 15.75 -20.55
CA VAL B 73 22.44 16.92 -20.27
C VAL B 73 23.38 17.21 -21.42
N LYS B 74 23.81 18.46 -21.52
CA LYS B 74 24.79 18.86 -22.51
C LYS B 74 26.19 18.63 -21.97
N VAL B 75 26.84 17.57 -22.41
CA VAL B 75 28.13 17.18 -21.84
C VAL B 75 29.17 18.28 -22.00
N GLU B 76 29.14 18.95 -23.14
CA GLU B 76 30.16 19.95 -23.47
C GLU B 76 30.08 21.17 -22.57
N GLU B 77 28.92 21.37 -21.95
CA GLU B 77 28.73 22.51 -21.04
C GLU B 77 28.62 22.06 -19.59
N SER B 78 28.91 20.78 -19.34
CA SER B 78 28.90 20.23 -17.97
C SER B 78 30.33 19.96 -17.54
N SER B 79 30.56 19.91 -16.23
CA SER B 79 31.93 19.86 -15.73
C SER B 79 32.01 19.31 -14.30
N TRP B 80 33.22 19.04 -13.84
CA TRP B 80 33.42 18.62 -12.47
C TRP B 80 34.79 19.03 -11.97
N LEU B 81 34.91 19.13 -10.66
CA LEU B 81 36.20 19.43 -10.08
C LEU B 81 36.23 18.90 -8.66
N ILE B 82 37.40 18.90 -8.06
CA ILE B 82 37.51 18.58 -6.64
C ILE B 82 37.60 19.87 -5.87
N ALA B 83 36.53 20.22 -5.16
CA ALA B 83 36.50 21.46 -4.39
C ALA B 83 37.31 21.25 -3.12
N ASP B 84 37.67 22.33 -2.45
CA ASP B 84 38.46 22.22 -1.22
C ASP B 84 37.83 21.27 -0.20
N GLY B 85 38.66 20.54 0.53
CA GLY B 85 38.16 19.65 1.57
C GLY B 85 37.55 18.38 1.01
N ALA B 86 38.06 17.96 -0.16
CA ALA B 86 37.67 16.69 -0.77
C ALA B 86 36.18 16.59 -1.06
N VAL B 87 35.59 17.67 -1.54
CA VAL B 87 34.20 17.62 -2.01
C VAL B 87 34.21 17.65 -3.54
N VAL B 88 33.78 16.55 -4.16
CA VAL B 88 33.72 16.49 -5.61
C VAL B 88 32.44 17.20 -6.03
N THR B 89 32.55 18.18 -6.92
CA THR B 89 31.36 18.88 -7.37
C THR B 89 31.15 18.65 -8.87
N VAL B 90 29.89 18.52 -9.26
CA VAL B 90 29.55 18.33 -10.65
C VAL B 90 28.55 19.38 -11.06
N HIS B 91 28.76 19.98 -12.23
CA HIS B 91 27.83 20.94 -12.77
C HIS B 91 27.24 20.35 -14.04
N LEU B 92 25.93 20.19 -14.06
CA LEU B 92 25.25 19.61 -15.22
C LEU B 92 24.36 20.66 -15.87
N GLU B 93 24.53 20.85 -17.18
CA GLU B 93 23.65 21.75 -17.92
C GLU B 93 22.59 20.90 -18.60
N LYS B 94 21.33 21.20 -18.32
CA LYS B 94 20.22 20.44 -18.88
C LYS B 94 20.04 20.76 -20.37
N ILE B 95 19.57 19.77 -21.12
CA ILE B 95 19.19 19.99 -22.53
C ILE B 95 17.83 20.68 -22.59
N ASN B 96 16.87 20.15 -21.84
CA ASN B 96 15.58 20.79 -21.60
C ASN B 96 15.77 21.70 -20.40
N LYS B 97 15.84 23.01 -20.66
CA LYS B 97 16.19 23.97 -19.61
CA LYS B 97 16.20 23.99 -19.63
C LYS B 97 15.01 24.61 -18.90
N MET B 98 13.83 24.01 -19.06
CA MET B 98 12.66 24.49 -18.35
CA MET B 98 12.65 24.48 -18.34
C MET B 98 11.95 23.30 -17.70
N GLU B 99 12.73 22.50 -16.97
CA GLU B 99 12.18 21.30 -16.34
C GLU B 99 12.81 21.06 -14.98
N TRP B 100 11.99 20.98 -13.93
CA TRP B 100 12.47 20.58 -12.61
C TRP B 100 12.71 19.07 -12.57
N TRP B 101 13.90 18.66 -12.18
CA TRP B 101 14.20 17.24 -12.01
C TRP B 101 13.74 16.82 -10.63
N SER B 102 13.20 15.60 -10.51
CA SER B 102 12.77 15.11 -9.21
C SER B 102 13.84 14.23 -8.57
N ARG B 103 14.87 13.88 -9.34
CA ARG B 103 16.00 13.11 -8.82
C ARG B 103 17.18 13.20 -9.76
N LEU B 104 18.36 12.93 -9.23
CA LEU B 104 19.58 12.97 -10.03
C LEU B 104 19.64 11.73 -10.92
N VAL B 105 19.55 10.56 -10.30
CA VAL B 105 19.50 9.29 -11.01
C VAL B 105 18.26 8.54 -10.61
N SER B 106 17.83 7.63 -11.47
CA SER B 106 16.55 6.95 -11.32
CA SER B 106 16.55 6.95 -11.31
C SER B 106 16.49 6.08 -10.07
N SER B 107 17.64 5.72 -9.53
CA SER B 107 17.67 4.86 -8.35
C SER B 107 17.41 5.60 -7.03
N ASP B 108 17.45 6.93 -7.05
CA ASP B 108 17.16 7.72 -5.85
C ASP B 108 15.67 7.92 -5.70
N PRO B 109 15.19 7.99 -4.46
CA PRO B 109 13.81 8.44 -4.24
C PRO B 109 13.65 9.83 -4.86
N GLU B 110 12.47 10.12 -5.41
CA GLU B 110 12.18 11.45 -5.92
C GLU B 110 12.02 12.45 -4.79
N ILE B 111 12.33 13.72 -5.04
CA ILE B 111 11.85 14.75 -4.14
C ILE B 111 10.37 15.02 -4.46
N ASN B 112 9.65 15.53 -3.47
CA ASN B 112 8.26 15.96 -3.68
C ASN B 112 8.26 17.32 -4.37
N THR B 113 8.05 17.33 -5.67
CA THR B 113 8.21 18.55 -6.49
C THR B 113 7.14 19.57 -6.19
N LYS B 114 6.06 19.14 -5.54
CA LYS B 114 5.04 20.07 -5.05
C LYS B 114 5.67 21.15 -4.15
N LYS B 115 6.74 20.79 -3.45
CA LYS B 115 7.33 21.68 -2.45
C LYS B 115 8.44 22.55 -3.02
N ILE B 116 8.69 22.45 -4.32
CA ILE B 116 9.69 23.30 -4.95
C ILE B 116 9.26 24.76 -4.81
N ASN B 117 10.22 25.63 -4.52
CA ASN B 117 9.95 27.08 -4.49
C ASN B 117 10.88 27.76 -5.49
N PRO B 118 10.32 28.19 -6.64
CA PRO B 118 11.15 28.73 -7.72
C PRO B 118 12.04 29.93 -7.33
N GLU B 119 11.62 30.70 -6.33
CA GLU B 119 12.45 31.81 -5.84
C GLU B 119 13.65 31.25 -5.06
N ASN B 120 13.53 29.98 -4.69
CA ASN B 120 14.57 29.26 -3.93
C ASN B 120 14.35 29.24 -2.43
N SER C 4 -7.93 -26.07 -9.50
CA SER C 4 -6.77 -26.00 -10.38
C SER C 4 -6.49 -24.55 -10.75
N LYS C 5 -5.22 -24.18 -10.71
CA LYS C 5 -4.83 -22.80 -10.93
C LYS C 5 -5.02 -22.38 -12.38
N LEU C 6 -5.32 -21.10 -12.60
CA LEU C 6 -5.56 -20.57 -13.92
C LEU C 6 -4.26 -20.14 -14.60
N LYS C 7 -4.21 -20.30 -15.91
CA LYS C 7 -3.11 -19.77 -16.68
C LYS C 7 -3.21 -18.24 -16.72
N PRO C 8 -2.14 -17.54 -16.33
CA PRO C 8 -2.19 -16.07 -16.42
C PRO C 8 -2.42 -15.61 -17.86
N ASN C 9 -3.22 -14.57 -18.03
CA ASN C 9 -3.36 -13.97 -19.34
C ASN C 9 -2.09 -13.17 -19.68
N LEU C 10 -2.05 -12.60 -20.87
CA LEU C 10 -0.86 -11.87 -21.33
C LEU C 10 -0.56 -10.68 -20.44
N GLY C 11 -1.58 -10.18 -19.75
CA GLY C 11 -1.43 -9.07 -18.83
C GLY C 11 -1.10 -9.50 -17.40
N ASN C 12 -0.77 -10.77 -17.22
CA ASN C 12 -0.39 -11.32 -15.93
C ASN C 12 -1.50 -11.32 -14.88
N GLY C 13 -2.74 -11.25 -15.35
CA GLY C 13 -3.89 -11.43 -14.47
C GLY C 13 -4.68 -12.67 -14.87
N ALA C 14 -5.97 -12.65 -14.57
CA ALA C 14 -6.79 -13.85 -14.77
C ALA C 14 -7.99 -13.55 -15.64
N ASP C 15 -8.41 -14.56 -16.39
CA ASP C 15 -9.65 -14.49 -17.16
C ASP C 15 -10.70 -15.32 -16.42
N LEU C 16 -11.71 -14.66 -15.87
CA LEU C 16 -12.79 -15.35 -15.14
C LEU C 16 -14.05 -15.40 -16.00
N PRO C 17 -15.04 -16.19 -15.57
CA PRO C 17 -16.25 -16.28 -16.39
C PRO C 17 -16.93 -14.93 -16.64
N ASN C 18 -16.96 -14.08 -15.62
CA ASN C 18 -17.71 -12.83 -15.70
C ASN C 18 -16.87 -11.56 -15.78
N TYR C 19 -15.54 -11.70 -15.72
CA TYR C 19 -14.67 -10.54 -15.80
C TYR C 19 -13.24 -10.98 -16.05
N ARG C 20 -12.37 -10.02 -16.39
CA ARG C 20 -10.94 -10.34 -16.45
C ARG C 20 -10.14 -9.15 -15.98
N TRP C 21 -8.90 -9.42 -15.59
CA TRP C 21 -8.05 -8.34 -15.12
C TRP C 21 -6.61 -8.59 -15.50
N THR C 22 -5.83 -7.52 -15.56
CA THR C 22 -4.40 -7.58 -15.80
C THR C 22 -3.72 -6.83 -14.65
N GLN C 23 -2.40 -6.98 -14.52
CA GLN C 23 -1.70 -6.25 -13.47
C GLN C 23 -0.26 -5.99 -13.83
N THR C 24 0.32 -5.02 -13.14
CA THR C 24 1.77 -4.87 -13.05
C THR C 24 2.13 -5.05 -11.58
N LEU C 25 3.39 -4.86 -11.23
CA LEU C 25 3.77 -4.95 -9.84
C LEU C 25 3.01 -3.95 -8.97
N SER C 26 2.56 -2.86 -9.56
CA SER C 26 2.02 -1.74 -8.79
C SER C 26 0.52 -1.48 -8.91
N GLU C 27 -0.13 -2.08 -9.91
CA GLU C 27 -1.52 -1.75 -10.19
CA GLU C 27 -1.54 -1.78 -10.13
C GLU C 27 -2.27 -2.93 -10.83
N LEU C 28 -3.60 -2.79 -10.89
CA LEU C 28 -4.47 -3.82 -11.46
C LEU C 28 -5.57 -3.12 -12.26
N ASP C 29 -5.89 -3.66 -13.43
CA ASP C 29 -6.97 -3.10 -14.23
C ASP C 29 -7.97 -4.20 -14.52
N LEU C 30 -9.21 -3.94 -14.16
CA LEU C 30 -10.30 -4.91 -14.27
C LEU C 30 -11.29 -4.48 -15.34
N ALA C 31 -11.82 -5.45 -16.09
CA ALA C 31 -12.92 -5.22 -17.03
C ALA C 31 -14.09 -6.15 -16.72
N VAL C 32 -15.28 -5.58 -16.60
CA VAL C 32 -16.50 -6.33 -16.27
C VAL C 32 -17.59 -5.98 -17.27
N PRO C 33 -17.83 -6.86 -18.26
CA PRO C 33 -18.89 -6.60 -19.25
C PRO C 33 -20.29 -6.81 -18.69
N PHE C 34 -21.23 -5.97 -19.10
CA PHE C 34 -22.63 -6.17 -18.75
C PHE C 34 -23.47 -6.25 -20.01
N CYS C 35 -24.46 -7.13 -19.96
CA CYS C 35 -25.42 -7.29 -21.06
C CYS C 35 -26.76 -6.79 -20.59
N VAL C 36 -27.05 -5.53 -20.87
CA VAL C 36 -28.32 -4.92 -20.48
C VAL C 36 -29.01 -4.31 -21.71
N ASN C 37 -30.30 -4.00 -21.60
CA ASN C 37 -31.02 -3.48 -22.75
C ASN C 37 -31.20 -1.97 -22.69
N PHE C 38 -30.41 -1.32 -21.85
CA PHE C 38 -30.41 0.12 -21.76
C PHE C 38 -28.96 0.59 -21.79
N ARG C 39 -28.76 1.88 -22.04
CA ARG C 39 -27.43 2.45 -22.03
C ARG C 39 -26.98 2.66 -20.59
N LEU C 40 -25.95 1.93 -20.21
CA LEU C 40 -25.46 1.92 -18.84
C LEU C 40 -24.97 3.30 -18.45
N LYS C 41 -25.49 3.83 -17.33
CA LYS C 41 -25.03 5.12 -16.82
C LYS C 41 -24.53 4.96 -15.39
N GLY C 42 -23.84 5.97 -14.88
CA GLY C 42 -23.31 5.93 -13.53
C GLY C 42 -24.33 5.53 -12.47
N LYS C 43 -25.52 6.12 -12.56
CA LYS C 43 -26.60 5.87 -11.60
C LYS C 43 -27.05 4.41 -11.60
N ASP C 44 -26.73 3.67 -12.65
CA ASP C 44 -27.20 2.30 -12.77
C ASP C 44 -26.25 1.30 -12.12
N MET C 45 -25.07 1.78 -11.75
CA MET C 45 -24.00 0.90 -11.31
C MET C 45 -23.72 1.09 -9.82
N VAL C 46 -23.34 0.00 -9.16
CA VAL C 46 -22.87 0.08 -7.78
C VAL C 46 -21.43 -0.42 -7.78
N VAL C 47 -20.48 0.50 -7.59
CA VAL C 47 -19.08 0.13 -7.53
C VAL C 47 -18.48 0.76 -6.29
N ASP C 48 -17.99 -0.08 -5.40
CA ASP C 48 -17.48 0.40 -4.13
C ASP C 48 -16.07 -0.13 -4.01
N ILE C 49 -15.11 0.78 -4.02
CA ILE C 49 -13.71 0.41 -3.81
C ILE C 49 -13.32 0.84 -2.42
N GLN C 50 -12.95 -0.12 -1.59
CA GLN C 50 -12.44 0.15 -0.25
C GLN C 50 -11.01 -0.36 -0.12
N ARG C 51 -10.36 0.00 0.98
CA ARG C 51 -8.95 -0.32 1.17
C ARG C 51 -8.63 -1.79 0.89
N ARG C 52 -9.48 -2.69 1.36
CA ARG C 52 -9.25 -4.10 1.00
C ARG C 52 -10.52 -4.83 0.57
N HIS C 53 -11.38 -4.12 -0.15
CA HIS C 53 -12.64 -4.72 -0.57
C HIS C 53 -13.16 -4.10 -1.85
N LEU C 54 -13.83 -4.92 -2.64
CA LEU C 54 -14.35 -4.49 -3.91
C LEU C 54 -15.76 -5.02 -4.13
N ARG C 55 -16.66 -4.13 -4.56
CA ARG C 55 -17.99 -4.52 -4.97
C ARG C 55 -18.28 -3.96 -6.35
N VAL C 56 -18.77 -4.80 -7.24
CA VAL C 56 -19.19 -4.38 -8.57
C VAL C 56 -20.49 -5.08 -8.97
N GLY C 57 -21.52 -4.30 -9.29
CA GLY C 57 -22.76 -4.87 -9.77
C GLY C 57 -23.75 -3.81 -10.20
N LEU C 58 -24.81 -4.23 -10.89
CA LEU C 58 -25.88 -3.32 -11.30
C LEU C 58 -26.78 -3.00 -10.12
N LYS C 59 -27.28 -1.78 -10.08
CA LYS C 59 -28.28 -1.43 -9.07
C LYS C 59 -29.42 -2.44 -9.01
N GLY C 60 -29.76 -2.89 -7.81
CA GLY C 60 -30.88 -3.79 -7.62
C GLY C 60 -30.64 -5.25 -7.97
N GLN C 61 -29.49 -5.55 -8.58
CA GLN C 61 -29.22 -6.90 -9.10
C GLN C 61 -28.19 -7.69 -8.27
N PRO C 62 -28.09 -9.00 -8.52
CA PRO C 62 -27.03 -9.77 -7.86
C PRO C 62 -25.66 -9.21 -8.25
N ALA C 63 -24.76 -9.08 -7.29
CA ALA C 63 -23.45 -8.51 -7.58
C ALA C 63 -22.60 -9.45 -8.42
N ILE C 64 -21.70 -8.87 -9.21
CA ILE C 64 -20.74 -9.68 -9.96
C ILE C 64 -19.48 -9.91 -9.11
N ILE C 65 -19.06 -8.88 -8.41
CA ILE C 65 -17.96 -8.97 -7.46
C ILE C 65 -18.37 -8.39 -6.12
N ASP C 66 -18.07 -9.12 -5.05
CA ASP C 66 -18.31 -8.63 -3.70
C ASP C 66 -17.38 -9.41 -2.78
N GLY C 67 -16.14 -8.93 -2.65
CA GLY C 67 -15.16 -9.70 -1.89
C GLY C 67 -13.96 -8.93 -1.40
N GLU C 68 -13.18 -9.59 -0.55
CA GLU C 68 -11.98 -8.98 -0.01
C GLU C 68 -10.85 -9.08 -1.03
N LEU C 69 -10.19 -7.96 -1.27
CA LEU C 69 -9.08 -7.90 -2.21
C LEU C 69 -7.86 -8.67 -1.71
N TYR C 70 -7.03 -9.12 -2.65
CA TYR C 70 -5.81 -9.88 -2.34
C TYR C 70 -4.90 -9.14 -1.36
N ASN C 71 -4.79 -7.83 -1.54
CA ASN C 71 -4.05 -6.96 -0.63
C ASN C 71 -4.63 -5.54 -0.69
N GLU C 72 -4.07 -4.62 0.07
CA GLU C 72 -4.66 -3.28 0.23
C GLU C 72 -4.37 -2.39 -0.97
N VAL C 73 -5.31 -1.51 -1.28
CA VAL C 73 -5.14 -0.55 -2.37
C VAL C 73 -5.28 0.88 -1.87
N LYS C 74 -4.69 1.81 -2.59
CA LYS C 74 -4.83 3.21 -2.25
C LYS C 74 -6.10 3.73 -2.93
N VAL C 75 -7.16 3.89 -2.15
CA VAL C 75 -8.45 4.24 -2.71
C VAL C 75 -8.41 5.55 -3.49
N GLU C 76 -7.66 6.52 -2.97
CA GLU C 76 -7.57 7.85 -3.58
C GLU C 76 -6.99 7.81 -4.99
N GLU C 77 -6.19 6.80 -5.28
CA GLU C 77 -5.57 6.68 -6.61
C GLU C 77 -6.20 5.55 -7.43
N SER C 78 -7.33 5.03 -6.93
CA SER C 78 -8.09 4.02 -7.63
C SER C 78 -9.34 4.69 -8.21
N SER C 79 -9.96 4.06 -9.21
CA SER C 79 -11.10 4.69 -9.87
C SER C 79 -11.89 3.67 -10.68
N TRP C 80 -13.03 4.09 -11.20
CA TRP C 80 -13.78 3.23 -12.12
C TRP C 80 -14.49 4.02 -13.19
N LEU C 81 -14.72 3.38 -14.33
CA LEU C 81 -15.39 4.04 -15.45
C LEU C 81 -16.38 3.09 -16.10
N ILE C 82 -17.39 3.66 -16.73
CA ILE C 82 -18.17 2.88 -17.68
C ILE C 82 -17.56 3.10 -19.06
N ALA C 83 -16.94 2.07 -19.61
CA ALA C 83 -16.29 2.19 -20.92
C ALA C 83 -17.31 1.83 -21.98
N ASP C 84 -16.97 2.12 -23.23
CA ASP C 84 -17.90 1.91 -24.32
C ASP C 84 -18.36 0.45 -24.39
N GLY C 85 -19.60 0.25 -24.82
CA GLY C 85 -20.12 -1.11 -25.00
C GLY C 85 -20.41 -1.81 -23.69
N ALA C 86 -20.80 -1.02 -22.69
CA ALA C 86 -21.22 -1.55 -21.39
C ALA C 86 -20.15 -2.40 -20.72
N VAL C 87 -18.90 -1.97 -20.82
CA VAL C 87 -17.83 -2.64 -20.08
C VAL C 87 -17.39 -1.73 -18.94
N VAL C 88 -17.62 -2.17 -17.71
CA VAL C 88 -17.16 -1.40 -16.55
C VAL C 88 -15.70 -1.70 -16.28
N THR C 89 -14.89 -0.65 -16.16
CA THR C 89 -13.48 -0.85 -15.82
C THR C 89 -13.18 -0.31 -14.43
N VAL C 90 -12.25 -0.97 -13.74
CA VAL C 90 -11.78 -0.53 -12.44
C VAL C 90 -10.27 -0.50 -12.44
N HIS C 91 -9.71 0.61 -11.98
CA HIS C 91 -8.26 0.73 -11.80
C HIS C 91 -7.95 0.70 -10.32
N LEU C 92 -7.10 -0.23 -9.91
CA LEU C 92 -6.67 -0.33 -8.51
C LEU C 92 -5.17 -0.06 -8.40
N GLU C 93 -4.82 0.94 -7.59
CA GLU C 93 -3.42 1.21 -7.25
C GLU C 93 -3.07 0.46 -5.98
N LYS C 94 -2.06 -0.41 -6.03
CA LYS C 94 -1.68 -1.20 -4.87
C LYS C 94 -0.96 -0.34 -3.84
N ILE C 95 -1.08 -0.70 -2.57
CA ILE C 95 -0.30 -0.04 -1.52
C ILE C 95 1.12 -0.57 -1.56
N ASN C 96 1.25 -1.90 -1.54
CA ASN C 96 2.50 -2.59 -1.81
C ASN C 96 2.67 -2.73 -3.32
N LYS C 97 3.56 -1.92 -3.87
CA LYS C 97 3.67 -1.73 -5.30
C LYS C 97 4.73 -2.63 -5.92
N MET C 98 5.14 -3.65 -5.17
CA MET C 98 6.12 -4.61 -5.65
CA MET C 98 6.12 -4.61 -5.66
C MET C 98 5.66 -6.03 -5.29
N GLU C 99 4.42 -6.33 -5.65
CA GLU C 99 3.85 -7.63 -5.32
C GLU C 99 2.88 -8.07 -6.40
N TRP C 100 3.12 -9.27 -6.94
CA TRP C 100 2.17 -9.88 -7.87
C TRP C 100 1.00 -10.47 -7.11
N TRP C 101 -0.21 -10.15 -7.53
CA TRP C 101 -1.40 -10.73 -6.91
C TRP C 101 -1.76 -12.05 -7.59
N SER C 102 -2.16 -13.07 -6.84
CA SER C 102 -2.59 -14.32 -7.48
C SER C 102 -4.09 -14.32 -7.75
N ARG C 103 -4.79 -13.37 -7.17
CA ARG C 103 -6.21 -13.26 -7.50
C ARG C 103 -6.71 -11.88 -7.17
N LEU C 104 -7.89 -11.55 -7.67
CA LEU C 104 -8.48 -10.25 -7.42
C LEU C 104 -9.10 -10.26 -6.03
N VAL C 105 -10.02 -11.18 -5.82
CA VAL C 105 -10.67 -11.39 -4.54
C VAL C 105 -10.43 -12.82 -4.05
N SER C 106 -10.59 -13.03 -2.76
CA SER C 106 -10.15 -14.27 -2.13
C SER C 106 -10.92 -15.52 -2.58
N SER C 107 -12.15 -15.33 -3.07
CA SER C 107 -12.98 -16.46 -3.48
C SER C 107 -12.68 -17.00 -4.88
N ASP C 108 -11.88 -16.26 -5.66
CA ASP C 108 -11.46 -16.71 -6.98
C ASP C 108 -10.37 -17.79 -6.89
N PRO C 109 -10.31 -18.66 -7.91
CA PRO C 109 -9.15 -19.55 -8.00
C PRO C 109 -7.91 -18.69 -8.27
N GLU C 110 -6.75 -19.17 -7.86
CA GLU C 110 -5.51 -18.44 -8.10
C GLU C 110 -4.99 -18.66 -9.51
N ILE C 111 -4.32 -17.64 -10.04
CA ILE C 111 -3.51 -17.89 -11.20
C ILE C 111 -2.26 -18.64 -10.77
N ASN C 112 -1.69 -19.39 -11.71
CA ASN C 112 -0.41 -20.04 -11.53
C ASN C 112 0.71 -19.01 -11.67
N THR C 113 1.22 -18.53 -10.55
CA THR C 113 2.17 -17.42 -10.56
C THR C 113 3.51 -17.82 -11.19
N LYS C 114 3.77 -19.13 -11.26
CA LYS C 114 4.97 -19.62 -11.93
C LYS C 114 5.01 -19.18 -13.39
N LYS C 115 3.84 -18.91 -13.97
CA LYS C 115 3.78 -18.55 -15.39
C LYS C 115 3.61 -17.06 -15.63
N ILE C 116 3.70 -16.28 -14.56
CA ILE C 116 3.75 -14.84 -14.73
C ILE C 116 4.92 -14.50 -15.62
N ASN C 117 4.70 -13.60 -16.57
CA ASN C 117 5.78 -13.19 -17.45
C ASN C 117 6.17 -11.76 -17.18
N PRO C 118 7.18 -11.58 -16.31
CA PRO C 118 7.64 -10.29 -15.84
C PRO C 118 8.55 -9.64 -16.87
N GLU C 119 8.68 -10.31 -18.01
CA GLU C 119 9.42 -9.77 -19.15
C GLU C 119 8.48 -8.80 -19.87
N ASN C 120 9.02 -7.91 -20.69
CA ASN C 120 10.44 -7.80 -20.94
C ASN C 120 10.96 -6.43 -20.52
N SER D 4 -3.29 -3.53 7.81
CA SER D 4 -3.82 -2.48 8.68
C SER D 4 -4.84 -3.07 9.65
N LYS D 5 -5.08 -2.37 10.75
CA LYS D 5 -6.05 -2.83 11.75
C LYS D 5 -7.47 -2.88 11.20
N LEU D 6 -8.24 -3.85 11.69
CA LEU D 6 -9.58 -4.10 11.20
C LEU D 6 -10.65 -3.53 12.12
N LYS D 7 -11.74 -3.02 11.55
CA LYS D 7 -12.88 -2.62 12.34
C LYS D 7 -13.57 -3.86 12.89
N PRO D 8 -13.86 -3.89 14.21
CA PRO D 8 -14.52 -5.10 14.72
C PRO D 8 -15.91 -5.27 14.10
N ASN D 9 -16.36 -6.51 13.94
CA ASN D 9 -17.75 -6.73 13.54
C ASN D 9 -18.69 -6.53 14.73
N LEU D 10 -19.99 -6.66 14.52
CA LEU D 10 -20.96 -6.42 15.59
C LEU D 10 -20.81 -7.39 16.76
N GLY D 11 -20.12 -8.51 16.53
CA GLY D 11 -19.89 -9.48 17.58
C GLY D 11 -18.54 -9.32 18.26
N ASN D 12 -17.90 -8.17 18.03
CA ASN D 12 -16.61 -7.83 18.61
C ASN D 12 -15.46 -8.70 18.14
N GLY D 13 -15.63 -9.31 16.98
CA GLY D 13 -14.54 -10.08 16.38
C GLY D 13 -14.12 -9.49 15.04
N ALA D 14 -13.61 -10.35 14.17
CA ALA D 14 -13.10 -9.89 12.88
C ALA D 14 -13.70 -10.63 11.70
N ASP D 15 -13.78 -9.92 10.58
CA ASP D 15 -14.17 -10.49 9.30
C ASP D 15 -12.92 -10.63 8.45
N LEU D 16 -12.51 -11.86 8.20
CA LEU D 16 -11.31 -12.09 7.40
CA LEU D 16 -11.31 -12.11 7.41
C LEU D 16 -11.66 -12.61 6.00
N PRO D 17 -10.65 -12.75 5.13
CA PRO D 17 -11.01 -13.23 3.78
C PRO D 17 -11.72 -14.58 3.78
N ASN D 18 -11.25 -15.52 4.59
CA ASN D 18 -11.74 -16.89 4.53
C ASN D 18 -12.58 -17.33 5.70
N TYR D 19 -12.78 -16.43 6.65
CA TYR D 19 -13.58 -16.77 7.81
C TYR D 19 -13.90 -15.52 8.62
N ARG D 20 -14.80 -15.67 9.57
CA ARG D 20 -15.07 -14.58 10.51
C ARG D 20 -15.30 -15.15 11.90
N TRP D 21 -15.16 -14.31 12.92
CA TRP D 21 -15.41 -14.80 14.26
C TRP D 21 -15.98 -13.69 15.13
N THR D 22 -16.70 -14.08 16.17
CA THR D 22 -17.20 -13.13 17.15
C THR D 22 -16.63 -13.56 18.49
N GLN D 23 -16.81 -12.74 19.51
CA GLN D 23 -16.38 -13.15 20.85
C GLN D 23 -17.20 -12.49 21.94
N THR D 24 -17.12 -13.09 23.13
CA THR D 24 -17.51 -12.45 24.37
C THR D 24 -16.25 -12.43 25.22
N LEU D 25 -16.34 -11.93 26.45
CA LEU D 25 -15.19 -11.98 27.33
C LEU D 25 -14.67 -13.41 27.55
N SER D 26 -15.55 -14.39 27.40
CA SER D 26 -15.22 -15.76 27.79
C SER D 26 -15.07 -16.77 26.65
N GLU D 27 -15.52 -16.42 25.44
CA GLU D 27 -15.51 -17.38 24.33
C GLU D 27 -15.23 -16.73 22.97
N LEU D 28 -14.83 -17.56 22.01
CA LEU D 28 -14.72 -17.10 20.63
C LEU D 28 -15.55 -18.06 19.79
N ASP D 29 -16.25 -17.51 18.81
CA ASP D 29 -17.08 -18.34 17.93
C ASP D 29 -16.76 -18.05 16.48
N LEU D 30 -16.32 -19.10 15.78
CA LEU D 30 -15.72 -18.97 14.46
C LEU D 30 -16.57 -19.62 13.37
N ALA D 31 -16.64 -19.00 12.21
CA ALA D 31 -17.37 -19.57 11.08
C ALA D 31 -16.46 -19.61 9.86
N VAL D 32 -16.29 -20.81 9.30
CA VAL D 32 -15.41 -21.00 8.15
C VAL D 32 -16.16 -21.72 7.01
N PRO D 33 -16.58 -20.97 5.98
CA PRO D 33 -17.32 -21.57 4.86
C PRO D 33 -16.41 -22.41 3.98
N PHE D 34 -16.94 -23.51 3.46
CA PHE D 34 -16.27 -24.29 2.43
C PHE D 34 -17.18 -24.45 1.24
N VAL D 36 -17.17 -26.82 -1.87
CA VAL D 36 -16.79 -27.95 -2.70
C VAL D 36 -18.07 -28.48 -3.36
N ASN D 37 -17.95 -29.25 -4.43
CA ASN D 37 -19.18 -29.72 -5.09
C ASN D 37 -19.54 -31.15 -4.72
N PHE D 38 -19.10 -31.58 -3.55
CA PHE D 38 -19.63 -32.80 -2.95
C PHE D 38 -20.19 -32.43 -1.59
N ARG D 39 -20.89 -33.37 -0.96
CA ARG D 39 -21.53 -33.08 0.32
C ARG D 39 -20.50 -33.22 1.43
N LEU D 40 -20.24 -32.12 2.13
CA LEU D 40 -19.19 -32.10 3.14
C LEU D 40 -19.60 -32.80 4.43
N LYS D 41 -18.77 -33.75 4.89
CA LYS D 41 -19.06 -34.49 6.11
C LYS D 41 -17.89 -34.41 7.09
N GLY D 42 -18.12 -34.85 8.33
CA GLY D 42 -17.10 -34.82 9.35
C GLY D 42 -15.78 -35.38 8.87
N LYS D 43 -15.84 -36.57 8.26
CA LYS D 43 -14.64 -37.27 7.82
C LYS D 43 -13.86 -36.51 6.75
N ASP D 44 -14.50 -35.52 6.13
CA ASP D 44 -13.84 -34.75 5.08
C ASP D 44 -13.10 -33.54 5.62
N MET D 45 -13.19 -33.36 6.94
CA MET D 45 -12.67 -32.15 7.59
C MET D 45 -11.60 -32.49 8.62
N VAL D 46 -10.64 -31.59 8.74
CA VAL D 46 -9.67 -31.62 9.83
C VAL D 46 -9.85 -30.38 10.72
N VAL D 47 -10.25 -30.60 11.97
CA VAL D 47 -10.34 -29.50 12.93
C VAL D 47 -9.58 -29.94 14.16
N ASP D 48 -8.44 -29.32 14.41
CA ASP D 48 -7.61 -29.67 15.55
CA ASP D 48 -7.63 -29.68 15.57
C ASP D 48 -7.59 -28.50 16.53
N ILE D 49 -8.31 -28.66 17.63
CA ILE D 49 -8.34 -27.64 18.67
C ILE D 49 -7.39 -28.02 19.79
N GLN D 50 -6.33 -27.24 19.95
CA GLN D 50 -5.34 -27.48 20.99
C GLN D 50 -5.27 -26.29 21.93
N ARG D 51 -4.53 -26.43 23.04
CA ARG D 51 -4.58 -25.42 24.08
C ARG D 51 -4.21 -24.03 23.58
N ARG D 52 -3.28 -23.93 22.64
CA ARG D 52 -2.85 -22.63 22.13
C ARG D 52 -2.61 -22.68 20.61
N HIS D 53 -3.32 -23.57 19.95
CA HIS D 53 -3.16 -23.75 18.50
C HIS D 53 -4.45 -24.22 17.87
N LEU D 54 -4.72 -23.76 16.65
CA LEU D 54 -5.93 -24.16 15.94
C LEU D 54 -5.60 -24.49 14.49
N ARG D 55 -6.09 -25.64 14.02
CA ARG D 55 -6.03 -25.96 12.61
C ARG D 55 -7.43 -26.29 12.09
N VAL D 56 -7.82 -25.62 11.01
CA VAL D 56 -9.10 -25.88 10.35
C VAL D 56 -8.86 -25.95 8.85
N GLY D 57 -9.27 -27.05 8.24
CA GLY D 57 -9.23 -27.15 6.78
C GLY D 57 -9.78 -28.48 6.30
N LEU D 58 -9.93 -28.62 4.98
CA LEU D 58 -10.36 -29.90 4.43
C LEU D 58 -9.26 -30.93 4.54
N LYS D 59 -9.64 -32.18 4.80
CA LYS D 59 -8.67 -33.24 4.80
C LYS D 59 -7.92 -33.26 3.48
N GLY D 60 -6.59 -33.35 3.55
CA GLY D 60 -5.76 -33.46 2.36
C GLY D 60 -5.54 -32.17 1.60
N GLN D 61 -6.02 -31.05 2.12
CA GLN D 61 -5.88 -29.75 1.44
C GLN D 61 -5.09 -28.78 2.31
N PRO D 62 -4.58 -27.69 1.72
CA PRO D 62 -3.94 -26.68 2.57
C PRO D 62 -4.96 -26.14 3.56
N ALA D 63 -4.57 -26.07 4.83
CA ALA D 63 -5.48 -25.58 5.86
C ALA D 63 -5.86 -24.13 5.61
N ILE D 64 -7.08 -23.75 6.00
CA ILE D 64 -7.50 -22.36 5.98
C ILE D 64 -6.93 -21.63 7.20
N ILE D 65 -7.00 -22.30 8.35
CA ILE D 65 -6.37 -21.80 9.58
C ILE D 65 -5.34 -22.81 10.08
N ASP D 66 -4.17 -22.32 10.49
CA ASP D 66 -3.14 -23.19 11.08
C ASP D 66 -2.14 -22.31 11.79
N GLY D 67 -2.48 -21.91 13.00
CA GLY D 67 -1.66 -20.95 13.70
C GLY D 67 -1.84 -20.97 15.19
N GLU D 68 -1.04 -20.16 15.85
CA GLU D 68 -1.05 -20.05 17.28
C GLU D 68 -2.18 -19.14 17.71
N LEU D 69 -2.97 -19.60 18.68
CA LEU D 69 -4.07 -18.80 19.20
C LEU D 69 -3.58 -17.62 20.01
N TYR D 70 -4.35 -16.54 19.97
CA TYR D 70 -4.06 -15.33 20.72
C TYR D 70 -3.76 -15.61 22.20
N ASN D 71 -4.55 -16.49 22.80
CA ASN D 71 -4.30 -16.95 24.15
C ASN D 71 -4.82 -18.37 24.31
N GLU D 72 -4.67 -18.93 25.51
CA GLU D 72 -5.00 -20.34 25.72
C GLU D 72 -6.49 -20.60 25.79
N VAL D 73 -6.91 -21.78 25.34
CA VAL D 73 -8.31 -22.16 25.42
C VAL D 73 -8.44 -23.48 26.16
N LYS D 74 -9.65 -23.75 26.66
CA LYS D 74 -9.94 -25.02 27.31
C LYS D 74 -10.44 -26.02 26.28
N VAL D 75 -9.57 -26.93 25.88
CA VAL D 75 -9.88 -27.86 24.80
C VAL D 75 -11.15 -28.67 25.07
N GLU D 76 -11.33 -29.11 26.31
CA GLU D 76 -12.46 -29.99 26.60
C GLU D 76 -13.80 -29.25 26.64
N GLU D 77 -13.74 -27.93 26.69
CA GLU D 77 -14.96 -27.10 26.64
C GLU D 77 -15.12 -26.41 25.28
N SER D 78 -14.27 -26.78 24.34
CA SER D 78 -14.38 -26.28 22.97
C SER D 78 -14.92 -27.35 22.06
N SER D 79 -15.55 -26.95 20.96
CA SER D 79 -16.17 -27.94 20.09
C SER D 79 -16.45 -27.38 18.71
N TRP D 80 -16.81 -28.26 17.78
CA TRP D 80 -17.11 -27.80 16.43
C TRP D 80 -18.15 -28.66 15.75
N LEU D 81 -18.75 -28.12 14.70
CA LEU D 81 -19.62 -28.90 13.82
C LEU D 81 -19.59 -28.32 12.43
N ILE D 82 -20.11 -29.09 11.47
CA ILE D 82 -20.37 -28.55 10.14
C ILE D 82 -21.83 -28.12 10.12
N ALA D 83 -22.05 -26.81 10.15
CA ALA D 83 -23.41 -26.28 10.10
C ALA D 83 -23.94 -26.43 8.67
N ASP D 84 -25.25 -26.31 8.50
CA ASP D 84 -25.87 -26.42 7.19
C ASP D 84 -25.20 -25.52 6.17
N GLY D 85 -25.10 -25.99 4.92
CA GLY D 85 -24.48 -25.20 3.88
C GLY D 85 -22.98 -25.11 4.01
N ALA D 86 -22.40 -26.17 4.58
CA ALA D 86 -20.95 -26.35 4.69
C ALA D 86 -20.19 -25.19 5.36
N VAL D 87 -20.77 -24.69 6.45
CA VAL D 87 -20.09 -23.69 7.26
C VAL D 87 -19.57 -24.35 8.53
N VAL D 88 -18.26 -24.54 8.60
CA VAL D 88 -17.63 -25.14 9.77
C VAL D 88 -17.68 -24.11 10.87
N THR D 89 -18.25 -24.50 11.99
CA THR D 89 -18.45 -23.56 13.08
CA THR D 89 -18.47 -23.58 13.08
C THR D 89 -17.80 -24.11 14.34
N VAL D 90 -17.00 -23.26 14.97
CA VAL D 90 -16.13 -23.66 16.06
C VAL D 90 -16.37 -22.78 17.29
N HIS D 91 -16.59 -23.45 18.42
CA HIS D 91 -16.74 -22.75 19.71
C HIS D 91 -15.49 -22.96 20.56
N LEU D 92 -14.80 -21.85 20.86
CA LEU D 92 -13.59 -21.88 21.70
C LEU D 92 -13.87 -21.27 23.06
N GLU D 93 -13.62 -22.04 24.11
CA GLU D 93 -13.79 -21.55 25.47
C GLU D 93 -12.44 -21.02 25.94
N LYS D 94 -12.36 -19.73 26.29
CA LYS D 94 -11.10 -19.15 26.76
C LYS D 94 -10.74 -19.66 28.16
N ILE D 95 -9.45 -19.71 28.45
CA ILE D 95 -8.98 -19.98 29.82
C ILE D 95 -9.10 -18.74 30.73
N ASN D 96 -8.55 -17.61 30.26
CA ASN D 96 -8.82 -16.32 30.86
C ASN D 96 -10.14 -15.81 30.29
N LYS D 97 -11.20 -15.87 31.09
CA LYS D 97 -12.55 -15.62 30.57
C LYS D 97 -12.99 -14.19 30.79
N MET D 98 -12.03 -13.31 31.05
CA MET D 98 -12.28 -11.89 31.16
CA MET D 98 -12.30 -11.89 31.15
C MET D 98 -11.27 -11.09 30.35
N GLU D 99 -11.14 -11.45 29.07
CA GLU D 99 -10.17 -10.84 28.17
C GLU D 99 -10.67 -10.76 26.74
N TRP D 100 -10.59 -9.58 26.14
CA TRP D 100 -10.90 -9.41 24.72
C TRP D 100 -9.69 -9.77 23.87
N TRP D 101 -9.86 -10.64 22.89
CA TRP D 101 -8.78 -10.97 21.96
C TRP D 101 -8.76 -9.98 20.79
N SER D 102 -7.56 -9.69 20.30
CA SER D 102 -7.40 -8.77 19.18
CA SER D 102 -7.40 -8.76 19.18
C SER D 102 -7.34 -9.52 17.85
N ARG D 103 -7.14 -10.83 17.92
CA ARG D 103 -7.15 -11.68 16.74
C ARG D 103 -7.31 -13.14 17.16
N LEU D 104 -7.62 -13.99 16.18
CA LEU D 104 -7.86 -15.40 16.45
C LEU D 104 -6.51 -16.10 16.57
N VAL D 105 -5.72 -15.97 15.51
CA VAL D 105 -4.34 -16.45 15.48
C VAL D 105 -3.36 -15.30 15.35
N SER D 106 -2.12 -15.50 15.80
CA SER D 106 -1.15 -14.41 15.87
CA SER D 106 -1.17 -14.41 15.88
C SER D 106 -0.75 -13.87 14.51
N SER D 107 -0.95 -14.66 13.46
CA SER D 107 -0.61 -14.22 12.12
C SER D 107 -1.64 -13.29 11.47
N ASP D 108 -2.86 -13.25 12.01
CA ASP D 108 -3.90 -12.34 11.50
C ASP D 108 -3.61 -10.90 11.85
N PRO D 109 -4.16 -9.95 11.07
CA PRO D 109 -4.10 -8.55 11.45
C PRO D 109 -4.95 -8.41 12.70
N GLU D 110 -4.71 -7.40 13.51
CA GLU D 110 -5.52 -7.20 14.70
C GLU D 110 -6.74 -6.34 14.41
N ILE D 111 -7.81 -6.55 15.16
CA ILE D 111 -8.90 -5.59 15.15
C ILE D 111 -8.49 -4.40 16.01
N ASN D 112 -9.13 -3.27 15.76
CA ASN D 112 -8.94 -2.10 16.59
C ASN D 112 -9.80 -2.29 17.84
N THR D 113 -9.16 -2.71 18.94
CA THR D 113 -9.91 -3.05 20.14
C THR D 113 -10.50 -1.84 20.85
N LYS D 114 -10.07 -0.65 20.44
CA LYS D 114 -10.70 0.57 20.94
C LYS D 114 -12.17 0.68 20.51
N LYS D 115 -12.56 -0.11 19.50
CA LYS D 115 -13.93 -0.04 18.99
C LYS D 115 -14.80 -1.20 19.46
N ILE D 116 -14.28 -2.03 20.35
CA ILE D 116 -15.09 -3.07 20.95
C ILE D 116 -16.25 -2.45 21.71
N ASN D 117 -17.43 -3.03 21.55
CA ASN D 117 -18.61 -2.60 22.30
C ASN D 117 -19.08 -3.71 23.20
N PRO D 118 -18.84 -3.60 24.52
CA PRO D 118 -19.19 -4.74 25.37
C PRO D 118 -20.66 -5.17 25.26
N GLU D 119 -21.57 -4.21 25.10
CA GLU D 119 -22.99 -4.52 24.96
C GLU D 119 -23.30 -5.49 23.81
N ASN D 120 -22.43 -5.53 22.81
CA ASN D 120 -22.65 -6.39 21.64
C ASN D 120 -22.35 -7.87 21.90
N SER E 4 -34.26 21.87 13.03
CA SER E 4 -33.80 22.38 11.75
C SER E 4 -34.89 22.46 10.70
N LYS E 5 -34.57 23.05 9.56
CA LYS E 5 -35.55 23.24 8.49
C LYS E 5 -35.61 22.05 7.53
N LEU E 6 -34.45 21.47 7.24
CA LEU E 6 -34.38 20.39 6.26
C LEU E 6 -34.72 19.03 6.83
N LYS E 7 -35.46 18.24 6.06
CA LYS E 7 -35.80 16.88 6.43
C LYS E 7 -34.63 15.95 6.13
N PRO E 8 -34.31 15.03 7.07
CA PRO E 8 -33.23 14.09 6.80
C PRO E 8 -33.57 13.25 5.59
N ASN E 9 -32.59 12.98 4.71
CA ASN E 9 -32.86 12.13 3.55
C ASN E 9 -32.89 10.67 3.97
N LEU E 10 -33.03 9.77 3.00
CA LEU E 10 -33.15 8.34 3.29
C LEU E 10 -31.96 7.77 4.06
N GLY E 11 -30.84 8.50 4.06
CA GLY E 11 -29.64 8.04 4.71
C GLY E 11 -29.30 8.85 5.95
N ASN E 12 -30.29 9.57 6.46
CA ASN E 12 -30.13 10.37 7.67
C ASN E 12 -29.15 11.52 7.48
N GLY E 13 -28.89 11.87 6.22
CA GLY E 13 -28.05 13.01 5.89
C GLY E 13 -28.88 14.09 5.23
N ALA E 14 -28.24 14.88 4.37
CA ALA E 14 -28.91 16.01 3.73
C ALA E 14 -28.72 15.99 2.21
N ASP E 15 -29.72 16.54 1.51
CA ASP E 15 -29.60 16.79 0.08
C ASP E 15 -29.37 18.29 -0.12
N LEU E 16 -28.20 18.65 -0.64
CA LEU E 16 -27.84 20.05 -0.89
C LEU E 16 -27.84 20.31 -2.40
N PRO E 17 -27.89 21.59 -2.80
CA PRO E 17 -27.89 21.91 -4.23
C PRO E 17 -26.73 21.27 -4.98
N ASN E 18 -25.54 21.26 -4.36
CA ASN E 18 -24.33 20.83 -5.05
C ASN E 18 -23.74 19.51 -4.56
N TYR E 19 -24.35 18.92 -3.55
CA TYR E 19 -23.88 17.64 -3.04
C TYR E 19 -24.88 16.99 -2.08
N ARG E 20 -24.68 15.70 -1.84
CA ARG E 20 -25.58 14.92 -0.99
C ARG E 20 -24.77 14.02 -0.06
N TRP E 21 -25.19 13.92 1.19
CA TRP E 21 -24.50 13.03 2.12
C TRP E 21 -25.44 12.21 2.97
N THR E 22 -24.94 11.08 3.46
CA THR E 22 -25.65 10.23 4.41
C THR E 22 -24.71 10.03 5.59
N GLN E 23 -25.24 9.54 6.71
CA GLN E 23 -24.39 9.29 7.86
C GLN E 23 -24.92 8.17 8.73
N THR E 24 -24.03 7.60 9.52
CA THR E 24 -24.41 6.71 10.62
C THR E 24 -23.90 7.38 11.89
N LEU E 25 -24.04 6.72 13.02
CA LEU E 25 -23.58 7.30 14.28
C LEU E 25 -22.09 7.61 14.23
N SER E 26 -21.34 6.84 13.45
CA SER E 26 -19.88 6.93 13.47
C SER E 26 -19.22 7.42 12.18
N GLU E 27 -19.96 7.48 11.08
CA GLU E 27 -19.36 7.88 9.81
CA GLU E 27 -19.37 7.85 9.80
C GLU E 27 -20.31 8.67 8.91
N LEU E 28 -19.75 9.26 7.86
CA LEU E 28 -20.51 10.07 6.91
C LEU E 28 -20.04 9.77 5.49
N ASP E 29 -20.97 9.67 4.55
CA ASP E 29 -20.62 9.40 3.15
C ASP E 29 -21.14 10.49 2.22
N LEU E 30 -20.23 11.13 1.50
CA LEU E 30 -20.54 12.31 0.73
C LEU E 30 -20.34 12.06 -0.77
N ALA E 31 -21.25 12.58 -1.58
CA ALA E 31 -21.12 12.50 -3.04
C ALA E 31 -21.23 13.89 -3.65
N VAL E 32 -20.15 14.35 -4.28
CA VAL E 32 -20.13 15.66 -4.93
C VAL E 32 -19.97 15.47 -6.44
N PRO E 33 -21.06 15.73 -7.21
CA PRO E 33 -21.02 15.57 -8.66
C PRO E 33 -20.36 16.77 -9.35
N PHE E 34 -19.59 16.50 -10.40
CA PHE E 34 -19.01 17.55 -11.22
C PHE E 34 -19.48 17.40 -12.66
N VAL E 36 -18.54 18.30 -16.30
CA VAL E 36 -17.54 18.78 -17.26
C VAL E 36 -17.69 18.03 -18.59
N ASN E 37 -16.98 18.51 -19.61
CA ASN E 37 -17.05 17.88 -20.94
C ASN E 37 -15.94 16.86 -21.20
N PHE E 38 -15.31 16.40 -20.12
CA PHE E 38 -14.26 15.38 -20.22
C PHE E 38 -14.23 14.51 -18.98
N ARG E 39 -13.61 13.34 -19.08
CA ARG E 39 -13.51 12.44 -17.93
CA ARG E 39 -13.49 12.42 -17.95
C ARG E 39 -12.51 12.96 -16.91
N LEU E 40 -12.98 13.14 -15.68
CA LEU E 40 -12.11 13.61 -14.62
C LEU E 40 -11.22 12.49 -14.10
N LYS E 41 -9.98 12.84 -13.76
CA LYS E 41 -9.06 11.89 -13.14
C LYS E 41 -8.62 12.42 -11.77
N GLY E 42 -8.12 11.51 -10.94
CA GLY E 42 -7.68 11.87 -9.60
C GLY E 42 -6.86 13.14 -9.55
N LYS E 43 -6.00 13.33 -10.55
CA LYS E 43 -5.04 14.43 -10.57
C LYS E 43 -5.68 15.81 -10.78
N ASP E 44 -6.92 15.84 -11.25
CA ASP E 44 -7.58 17.10 -11.55
C ASP E 44 -8.28 17.71 -10.34
N MET E 45 -8.31 16.97 -9.23
CA MET E 45 -9.15 17.36 -8.09
C MET E 45 -8.37 17.83 -6.87
N VAL E 46 -9.06 18.61 -6.04
CA VAL E 46 -8.59 18.95 -4.70
C VAL E 46 -9.54 18.30 -3.71
N VAL E 47 -9.04 17.37 -2.91
CA VAL E 47 -9.82 16.79 -1.83
C VAL E 47 -8.96 16.79 -0.57
N ASP E 48 -9.16 17.82 0.24
CA ASP E 48 -8.33 18.04 1.41
C ASP E 48 -9.12 17.74 2.67
N ILE E 49 -8.85 16.59 3.27
CA ILE E 49 -9.54 16.17 4.49
C ILE E 49 -8.69 16.46 5.72
N GLN E 50 -9.20 17.31 6.60
CA GLN E 50 -8.48 17.71 7.81
C GLN E 50 -9.31 17.41 9.05
N ARG E 51 -8.63 17.24 10.18
CA ARG E 51 -9.28 16.92 11.45
C ARG E 51 -10.67 17.57 11.58
N ARG E 52 -10.78 18.85 11.25
CA ARG E 52 -12.08 19.51 11.29
C ARG E 52 -12.27 20.51 10.16
N HIS E 53 -11.75 20.16 8.98
CA HIS E 53 -11.96 20.98 7.80
C HIS E 53 -11.99 20.13 6.54
N LEU E 54 -12.85 20.50 5.60
CA LEU E 54 -12.96 19.77 4.35
C LEU E 54 -12.97 20.75 3.19
N ARG E 55 -12.20 20.44 2.15
CA ARG E 55 -12.21 21.24 0.93
C ARG E 55 -12.29 20.30 -0.26
N VAL E 56 -13.32 20.50 -1.09
CA VAL E 56 -13.52 19.67 -2.27
C VAL E 56 -13.78 20.53 -3.49
N GLY E 57 -13.01 20.32 -4.54
CA GLY E 57 -13.23 21.04 -5.78
C GLY E 57 -12.31 20.62 -6.91
N LEU E 58 -12.42 21.32 -8.03
CA LEU E 58 -11.52 21.10 -9.15
C LEU E 58 -10.26 21.91 -8.94
N LYS E 59 -9.11 21.32 -9.22
CA LYS E 59 -7.85 22.01 -9.05
C LYS E 59 -7.85 23.25 -9.94
N GLY E 60 -7.55 24.40 -9.34
CA GLY E 60 -7.49 25.64 -10.08
C GLY E 60 -8.82 26.37 -10.21
N GLN E 61 -9.88 25.78 -9.64
CA GLN E 61 -11.22 26.37 -9.71
C GLN E 61 -11.71 26.75 -8.32
N PRO E 62 -12.79 27.55 -8.25
CA PRO E 62 -13.49 27.81 -6.99
C PRO E 62 -13.99 26.49 -6.38
N ALA E 63 -13.69 26.27 -5.10
CA ALA E 63 -14.07 25.03 -4.45
C ALA E 63 -15.58 24.90 -4.29
N ILE E 64 -16.08 23.68 -4.39
CA ILE E 64 -17.49 23.41 -4.16
C ILE E 64 -17.75 23.36 -2.65
N ILE E 65 -16.82 22.76 -1.94
CA ILE E 65 -16.86 22.71 -0.48
C ILE E 65 -15.56 23.26 0.09
N ASP E 66 -15.66 24.06 1.13
CA ASP E 66 -14.49 24.66 1.76
C ASP E 66 -14.90 25.25 3.10
N GLY E 67 -14.89 24.43 4.15
CA GLY E 67 -15.34 24.89 5.44
C GLY E 67 -15.05 23.97 6.60
N GLU E 68 -15.38 24.43 7.80
CA GLU E 68 -15.19 23.67 9.03
C GLU E 68 -16.23 22.56 9.13
N LEU E 69 -15.78 21.35 9.43
CA LEU E 69 -16.69 20.23 9.61
C LEU E 69 -17.46 20.35 10.92
N TYR E 70 -18.67 19.80 10.93
CA TYR E 70 -19.52 19.86 12.12
C TYR E 70 -18.76 19.41 13.36
N ASN E 71 -17.99 18.34 13.22
CA ASN E 71 -17.14 17.87 14.29
C ASN E 71 -15.90 17.21 13.70
N GLU E 72 -14.98 16.79 14.56
CA GLU E 72 -13.69 16.27 14.13
C GLU E 72 -13.78 14.91 13.46
N VAL E 73 -12.93 14.66 12.48
CA VAL E 73 -12.89 13.37 11.81
C VAL E 73 -11.50 12.74 11.89
N LYS E 74 -11.47 11.42 11.82
CA LYS E 74 -10.22 10.67 11.81
C LYS E 74 -9.64 10.66 10.41
N VAL E 75 -8.72 11.57 10.14
CA VAL E 75 -8.17 11.73 8.79
C VAL E 75 -7.60 10.44 8.22
N GLU E 76 -6.91 9.68 9.06
CA GLU E 76 -6.25 8.45 8.63
C GLU E 76 -7.25 7.37 8.21
N GLU E 77 -8.49 7.51 8.64
CA GLU E 77 -9.52 6.52 8.33
C GLU E 77 -10.56 7.08 7.37
N SER E 78 -10.31 8.29 6.89
CA SER E 78 -11.17 8.93 5.90
C SER E 78 -10.51 8.84 4.53
N SER E 79 -11.33 8.83 3.49
CA SER E 79 -10.81 8.65 2.14
C SER E 79 -11.76 9.20 1.09
N TRP E 80 -11.31 9.20 -0.15
CA TRP E 80 -12.13 9.67 -1.26
C TRP E 80 -11.72 8.96 -2.53
N LEU E 81 -12.57 9.02 -3.55
CA LEU E 81 -12.25 8.49 -4.87
CA LEU E 81 -12.20 8.55 -4.88
C LEU E 81 -13.16 9.11 -5.91
N ILE E 82 -12.70 9.13 -7.17
CA ILE E 82 -13.52 9.64 -8.27
CA ILE E 82 -13.53 9.64 -8.27
C ILE E 82 -14.31 8.52 -8.93
N ALA E 83 -15.63 8.66 -8.92
CA ALA E 83 -16.51 7.65 -9.48
C ALA E 83 -16.93 7.99 -10.91
N ASP E 84 -16.67 7.06 -11.83
CA ASP E 84 -17.07 7.22 -13.22
C ASP E 84 -16.70 8.59 -13.79
N GLY E 85 -15.56 9.10 -13.33
CA GLY E 85 -15.01 10.34 -13.85
C GLY E 85 -15.95 11.53 -13.74
N ALA E 86 -16.91 11.45 -12.83
CA ALA E 86 -17.92 12.49 -12.73
C ALA E 86 -18.29 12.87 -11.28
N VAL E 87 -18.06 11.96 -10.35
CA VAL E 87 -18.53 12.15 -8.98
C VAL E 87 -17.44 11.84 -7.95
N VAL E 88 -17.17 12.80 -7.07
CA VAL E 88 -16.23 12.59 -5.98
C VAL E 88 -16.96 12.02 -4.77
N THR E 89 -16.53 10.85 -4.30
CA THR E 89 -17.11 10.29 -3.09
C THR E 89 -16.11 10.43 -1.95
N VAL E 90 -16.61 10.83 -0.78
CA VAL E 90 -15.76 11.02 0.38
C VAL E 90 -16.35 10.25 1.55
N HIS E 91 -15.50 9.52 2.26
CA HIS E 91 -15.93 8.78 3.43
C HIS E 91 -15.23 9.36 4.64
N LEU E 92 -16.01 9.83 5.60
CA LEU E 92 -15.46 10.44 6.80
C LEU E 92 -15.71 9.57 8.03
N GLU E 93 -14.65 9.31 8.78
CA GLU E 93 -14.76 8.63 10.06
C GLU E 93 -14.83 9.69 11.14
N LYS E 94 -15.90 9.69 11.92
CA LYS E 94 -16.05 10.65 13.03
C LYS E 94 -15.14 10.28 14.21
N ILE E 95 -14.61 11.30 14.88
CA ILE E 95 -13.88 11.08 16.15
C ILE E 95 -14.87 10.71 17.26
N ASN E 96 -15.93 11.50 17.39
CA ASN E 96 -17.05 11.16 18.27
C ASN E 96 -18.00 10.21 17.55
N LYS E 97 -17.88 8.92 17.85
CA LYS E 97 -18.54 7.89 17.05
C LYS E 97 -19.96 7.59 17.52
N MET E 98 -20.51 8.47 18.34
CA MET E 98 -21.90 8.31 18.77
CA MET E 98 -21.88 8.32 18.82
C MET E 98 -22.60 9.66 18.77
N GLU E 99 -22.62 10.29 17.58
CA GLU E 99 -23.24 11.59 17.42
C GLU E 99 -23.79 11.82 16.02
N TRP E 100 -25.07 12.14 15.92
CA TRP E 100 -25.68 12.55 14.67
C TRP E 100 -25.30 14.00 14.34
N TRP E 101 -24.79 14.21 13.14
CA TRP E 101 -24.45 15.54 12.67
C TRP E 101 -25.67 16.23 12.09
N SER E 102 -25.82 17.52 12.38
CA SER E 102 -26.92 18.31 11.85
C SER E 102 -26.58 18.88 10.48
N ARG E 103 -25.28 18.93 10.16
CA ARG E 103 -24.82 19.48 8.89
C ARG E 103 -23.41 19.00 8.57
N LEU E 104 -23.04 19.07 7.29
CA LEU E 104 -21.70 18.65 6.88
C LEU E 104 -20.68 19.69 7.28
N VAL E 105 -20.91 20.93 6.85
CA VAL E 105 -20.07 22.06 7.25
C VAL E 105 -20.89 23.14 7.95
N SER E 106 -20.21 23.99 8.73
CA SER E 106 -20.89 25.01 9.52
CA SER E 106 -20.89 25.02 9.52
C SER E 106 -21.81 25.90 8.68
N SER E 107 -21.38 26.22 7.46
CA SER E 107 -22.16 27.09 6.57
C SER E 107 -23.47 26.47 6.09
N ASP E 108 -23.58 25.15 6.16
CA ASP E 108 -24.78 24.48 5.69
C ASP E 108 -25.95 24.69 6.64
N PRO E 109 -27.17 24.76 6.08
CA PRO E 109 -28.36 24.74 6.93
C PRO E 109 -28.44 23.38 7.64
N GLU E 110 -29.14 23.31 8.75
CA GLU E 110 -29.21 22.07 9.49
C GLU E 110 -30.44 21.24 9.13
N ILE E 111 -30.28 19.92 9.15
CA ILE E 111 -31.40 19.02 9.00
C ILE E 111 -32.10 18.89 10.34
N ASN E 112 -33.36 18.48 10.34
CA ASN E 112 -34.07 18.22 11.58
C ASN E 112 -33.63 16.87 12.16
N THR E 113 -32.58 16.89 12.98
CA THR E 113 -32.01 15.66 13.52
C THR E 113 -33.02 14.88 14.35
N LYS E 114 -34.11 15.53 14.74
CA LYS E 114 -35.16 14.84 15.48
C LYS E 114 -35.81 13.74 14.65
N LYS E 115 -35.84 13.93 13.33
CA LYS E 115 -36.51 12.97 12.46
C LYS E 115 -35.60 11.84 12.01
N ILE E 116 -34.34 11.89 12.46
CA ILE E 116 -33.39 10.84 12.17
C ILE E 116 -33.88 9.48 12.67
N ASN E 117 -33.86 8.49 11.79
CA ASN E 117 -34.30 7.13 12.12
C ASN E 117 -33.13 6.17 12.02
N PRO E 118 -32.65 5.67 13.18
CA PRO E 118 -31.42 4.87 13.22
C PRO E 118 -31.51 3.66 12.30
N GLU E 119 -32.71 3.20 12.00
CA GLU E 119 -32.90 2.04 11.14
C GLU E 119 -32.64 2.30 9.65
N ASN E 120 -32.59 3.57 9.25
CA ASN E 120 -32.54 3.93 7.82
C ASN E 120 -31.17 3.99 7.19
N SER E 121 -30.13 4.04 8.01
CA SER E 121 -28.78 4.07 7.49
C SER E 121 -27.98 2.92 8.10
#